data_7WAM
#
_entry.id   7WAM
#
_cell.length_a   63.078
_cell.length_b   63.078
_cell.length_c   164.112
_cell.angle_alpha   90.000
_cell.angle_beta   90.000
_cell.angle_gamma   90.000
#
_symmetry.space_group_name_H-M   'P 43 21 2'
#
loop_
_entity.id
_entity.type
_entity.pdbx_description
1 polymer 'Haloalkane dehalogenase'
2 non-polymer 3-[6-(2-azanylhydrazinyl)-1,3-bis(oxidanylidene)benzo[de]isoquinolin-2-yl]-N-[2-(2-hexoxyethoxy)ethyl]propanamide
3 non-polymer 'CHLORIDE ION'
4 water water
#
_entity_poly.entity_id   1
_entity_poly.type   'polypeptide(L)'
_entity_poly.pdbx_seq_one_letter_code
;SGSAEIGTGFPFDPHYVEVLGERMHYVDVGPRDGTPVLFLHGNPTSSYVWRNIIPHVAPTHRCIAPDLIGMGKSDKPDLG
YFFDDHVRFMDAFIEALGLEEVVLVIHDWGSALGFHWAKRNPERVKGIAFMEFIRPIPTWDEWPEFARETFQAFRTTDVG
RKLIIDQNVFIEGTLPCGVVRPLTEVEMDHYREPFLNPVDREPLWRFPNELPIAGEPANIVALVEEYMDWLHQSPVPKLL
FWGTPGVLIPPAEAARLAKSLPNCKAVDIGPGLNLLQEDNPDLIGSEIARWLSTLEISG
;
_entity_poly.pdbx_strand_id   A
#
# COMPACT_ATOMS: atom_id res chain seq x y z
N ILE A 6 -7.86 6.94 18.25
CA ILE A 6 -7.30 6.94 16.89
C ILE A 6 -8.08 7.92 16.06
N GLY A 7 -7.38 8.86 15.40
CA GLY A 7 -8.06 9.98 14.78
C GLY A 7 -8.86 9.59 13.55
N THR A 8 -10.02 10.20 13.40
CA THR A 8 -10.90 9.90 12.26
C THR A 8 -10.87 10.98 11.19
N GLY A 9 -10.31 12.14 11.53
CA GLY A 9 -10.27 13.24 10.57
C GLY A 9 -9.21 13.09 9.49
N PHE A 10 -9.39 13.83 8.40
CA PHE A 10 -8.41 13.89 7.33
C PHE A 10 -8.10 15.38 7.09
N PRO A 11 -7.20 15.95 7.92
CA PRO A 11 -6.94 17.40 7.92
C PRO A 11 -5.81 17.78 6.98
N PHE A 12 -5.94 17.34 5.74
CA PHE A 12 -4.93 17.65 4.74
C PHE A 12 -5.52 18.35 3.54
N ASP A 13 -4.93 19.48 3.18
CA ASP A 13 -5.38 20.22 2.01
C ASP A 13 -5.17 19.37 0.75
N PRO A 14 -6.09 19.43 -0.21
CA PRO A 14 -5.90 18.68 -1.45
C PRO A 14 -4.88 19.32 -2.37
N HIS A 15 -3.98 18.51 -2.92
CA HIS A 15 -3.11 18.94 -3.99
C HIS A 15 -3.42 18.08 -5.20
N TYR A 16 -3.30 18.68 -6.37
CA TYR A 16 -3.58 17.96 -7.61
C TYR A 16 -2.48 18.17 -8.61
N VAL A 17 -2.23 17.12 -9.40
CA VAL A 17 -1.26 17.22 -10.49
C VAL A 17 -1.79 16.49 -11.71
N GLU A 18 -1.58 17.06 -12.89
CA GLU A 18 -1.92 16.36 -14.12
C GLU A 18 -0.90 15.27 -14.46
N VAL A 19 -1.41 14.07 -14.73
CA VAL A 19 -0.62 12.88 -14.97
C VAL A 19 -1.25 12.11 -16.16
N LEU A 20 -0.57 12.03 -17.30
CA LEU A 20 -1.05 11.30 -18.49
C LEU A 20 -2.46 11.73 -18.88
N GLY A 21 -2.73 13.03 -18.76
CA GLY A 21 -4.03 13.56 -19.16
C GLY A 21 -5.16 13.35 -18.16
N GLU A 22 -4.84 12.84 -16.98
CA GLU A 22 -5.80 12.71 -15.89
C GLU A 22 -5.32 13.55 -14.74
N ARG A 23 -6.13 13.72 -13.72
CA ARG A 23 -5.72 14.44 -12.51
C ARG A 23 -5.59 13.50 -11.33
N MET A 24 -4.48 13.59 -10.60
CA MET A 24 -4.30 12.79 -9.39
C MET A 24 -4.24 13.70 -8.18
N HIS A 25 -4.83 13.23 -7.09
CA HIS A 25 -4.81 13.93 -5.81
C HIS A 25 -3.69 13.41 -4.95
N TYR A 26 -3.10 14.30 -4.15
CA TYR A 26 -2.11 13.84 -3.16
C TYR A 26 -2.08 14.79 -1.94
N VAL A 27 -1.74 14.20 -0.80
CA VAL A 27 -1.33 14.92 0.41
C VAL A 27 0.11 15.41 0.23
N ASP A 28 0.39 16.64 0.63
CA ASP A 28 1.74 17.17 0.60
C ASP A 28 1.96 18.08 1.79
N VAL A 29 2.63 17.56 2.82
CA VAL A 29 2.89 18.35 4.02
C VAL A 29 4.35 18.23 4.42
N GLY A 30 4.79 18.99 5.43
CA GLY A 30 6.18 18.89 5.86
C GLY A 30 7.09 19.86 5.14
N PRO A 31 8.37 19.88 5.51
CA PRO A 31 9.33 20.83 4.94
C PRO A 31 9.53 20.58 3.47
N ARG A 32 9.93 21.62 2.73
CA ARG A 32 10.09 21.57 1.29
C ARG A 32 11.41 20.95 0.88
N ASP A 33 12.37 20.98 1.79
CA ASP A 33 13.69 20.46 1.45
C ASP A 33 13.90 19.06 2.02
N GLY A 34 15.07 18.48 1.77
CA GLY A 34 15.38 17.16 2.26
C GLY A 34 14.79 16.06 1.38
N THR A 35 14.98 14.83 1.81
CA THR A 35 14.48 13.69 1.08
C THR A 35 13.00 13.51 1.42
N PRO A 36 12.11 13.51 0.39
CA PRO A 36 10.68 13.29 0.66
C PRO A 36 10.36 11.84 0.96
N VAL A 37 9.31 11.65 1.76
CA VAL A 37 8.79 10.37 2.12
C VAL A 37 7.48 10.15 1.34
N LEU A 38 7.49 9.16 0.46
CA LEU A 38 6.38 8.86 -0.43
C LEU A 38 5.57 7.68 0.12
N PHE A 39 4.30 7.93 0.48
CA PHE A 39 3.42 6.95 1.11
C PHE A 39 2.48 6.37 0.07
N LEU A 40 2.48 5.06 -0.13
CA LEU A 40 1.65 4.43 -1.15
C LEU A 40 0.66 3.43 -0.53
N HIS A 41 -0.62 3.75 -0.70
CA HIS A 41 -1.71 2.89 -0.21
C HIS A 41 -2.03 1.77 -1.20
N GLY A 42 -2.87 0.85 -0.77
CA GLY A 42 -3.33 -0.27 -1.61
C GLY A 42 -4.85 -0.38 -1.69
N ASN A 43 -5.36 -1.62 -1.77
CA ASN A 43 -6.77 -1.89 -1.98
C ASN A 43 -7.47 -2.20 -0.66
N PRO A 44 -8.62 -1.57 -0.35
CA PRO A 44 -9.43 -0.62 -1.11
C PRO A 44 -9.31 0.76 -0.49
N THR A 45 -8.08 1.17 -0.16
CA THR A 45 -7.90 2.37 0.67
C THR A 45 -7.55 3.60 -0.17
N SER A 46 -7.03 4.63 0.47
CA SER A 46 -6.58 5.85 -0.17
C SER A 46 -5.54 6.44 0.74
N SER A 47 -5.08 7.66 0.46
CA SER A 47 -4.20 8.37 1.40
C SER A 47 -4.81 8.46 2.79
N TYR A 48 -6.13 8.31 2.91
CA TYR A 48 -6.77 8.28 4.24
C TYR A 48 -6.10 7.29 5.19
N VAL A 49 -5.60 6.17 4.66
CA VAL A 49 -5.01 5.11 5.50
C VAL A 49 -3.74 5.60 6.22
N TRP A 50 -3.14 6.68 5.72
CA TRP A 50 -1.89 7.22 6.27
C TRP A 50 -2.11 8.41 7.20
N ARG A 51 -3.38 8.81 7.40
CA ARG A 51 -3.70 10.06 8.09
C ARG A 51 -3.12 10.18 9.52
N ASN A 52 -2.95 9.06 10.22
CA ASN A 52 -2.45 9.10 11.60
C ASN A 52 -0.98 8.70 11.70
N ILE A 53 -0.40 8.39 10.54
CA ILE A 53 1.03 8.06 10.44
C ILE A 53 1.82 9.30 10.05
N ILE A 54 1.34 9.98 9.02
CA ILE A 54 1.97 11.19 8.53
C ILE A 54 2.31 12.26 9.61
N PRO A 55 1.42 12.50 10.60
CA PRO A 55 1.79 13.57 11.57
C PRO A 55 3.05 13.26 12.36
N HIS A 56 3.42 11.99 12.50
CA HIS A 56 4.70 11.67 13.16
C HIS A 56 5.91 12.00 12.35
N VAL A 57 5.75 12.02 11.02
CA VAL A 57 6.87 12.20 10.09
C VAL A 57 7.00 13.61 9.56
N ALA A 58 5.87 14.30 9.42
CA ALA A 58 5.86 15.66 8.87
C ALA A 58 6.74 16.73 9.61
N PRO A 59 7.00 16.56 10.93
CA PRO A 59 7.87 17.58 11.52
C PRO A 59 9.26 17.66 10.87
N THR A 60 9.76 16.53 10.39
CA THR A 60 11.13 16.43 9.94
C THR A 60 11.26 16.21 8.43
N HIS A 61 10.21 15.67 7.79
CA HIS A 61 10.29 15.28 6.38
C HIS A 61 9.06 15.66 5.61
N ARG A 62 9.26 16.02 4.32
CA ARG A 62 8.17 16.14 3.38
C ARG A 62 7.44 14.81 3.30
N CYS A 63 6.12 14.86 3.39
CA CYS A 63 5.29 13.67 3.25
C CYS A 63 4.37 13.85 2.05
N ILE A 64 4.45 12.90 1.12
CA ILE A 64 3.66 12.93 -0.11
C ILE A 64 2.85 11.64 -0.15
N ALA A 65 1.52 11.77 -0.22
CA ALA A 65 0.68 10.56 -0.19
C ALA A 65 -0.37 10.67 -1.31
N PRO A 66 -0.05 10.09 -2.46
CA PRO A 66 -1.02 10.13 -3.57
C PRO A 66 -2.17 9.16 -3.39
N ASP A 67 -3.30 9.49 -4.02
CA ASP A 67 -4.38 8.52 -4.24
C ASP A 67 -4.12 7.85 -5.58
N LEU A 68 -4.06 6.52 -5.60
CA LEU A 68 -3.85 5.80 -6.87
C LEU A 68 -4.91 6.21 -7.89
N ILE A 69 -4.56 6.13 -9.18
CA ILE A 69 -5.56 6.45 -10.19
C ILE A 69 -6.79 5.57 -9.96
N GLY A 70 -7.99 6.15 -10.18
CA GLY A 70 -9.23 5.45 -9.91
C GLY A 70 -9.65 5.33 -8.46
N MET A 71 -8.86 5.90 -7.54
CA MET A 71 -9.11 5.75 -6.11
C MET A 71 -9.06 7.09 -5.41
N GLY A 72 -9.54 7.13 -4.15
CA GLY A 72 -9.51 8.39 -3.39
C GLY A 72 -10.11 9.55 -4.17
N LYS A 73 -9.41 10.68 -4.17
CA LYS A 73 -9.84 11.88 -4.86
C LYS A 73 -9.22 12.02 -6.26
N SER A 74 -8.48 10.99 -6.71
CA SER A 74 -7.94 10.99 -8.06
C SER A 74 -9.03 10.73 -9.10
N ASP A 75 -8.73 11.03 -10.35
CA ASP A 75 -9.70 10.83 -11.41
C ASP A 75 -9.98 9.36 -11.65
N LYS A 76 -11.09 9.11 -12.34
CA LYS A 76 -11.58 7.75 -12.53
C LYS A 76 -11.81 7.49 -14.02
N PRO A 77 -10.73 7.45 -14.81
CA PRO A 77 -10.88 7.10 -16.23
C PRO A 77 -11.45 5.68 -16.43
N ASP A 78 -11.95 5.43 -17.65
CA ASP A 78 -12.54 4.14 -17.95
C ASP A 78 -11.47 3.11 -18.33
N LEU A 79 -10.66 2.77 -17.34
CA LEU A 79 -9.58 1.81 -17.47
C LEU A 79 -9.97 0.45 -16.92
N GLY A 80 -9.16 -0.55 -17.21
CA GLY A 80 -9.26 -1.83 -16.55
C GLY A 80 -8.61 -1.82 -15.17
N TYR A 81 -7.74 -0.84 -14.92
CA TYR A 81 -7.02 -0.74 -13.61
C TYR A 81 -6.22 -2.01 -13.32
N PHE A 82 -5.61 -2.55 -14.37
CA PHE A 82 -4.54 -3.53 -14.24
C PHE A 82 -3.40 -2.95 -13.45
N PHE A 83 -2.62 -3.82 -12.82
CA PHE A 83 -1.41 -3.35 -12.18
C PHE A 83 -0.55 -2.50 -13.14
N ASP A 84 -0.45 -2.90 -14.41
CA ASP A 84 0.27 -2.12 -15.40
C ASP A 84 -0.19 -0.67 -15.49
N ASP A 85 -1.51 -0.48 -15.36
CA ASP A 85 -2.06 0.88 -15.43
C ASP A 85 -1.59 1.66 -14.21
N HIS A 86 -1.64 1.02 -13.05
CA HIS A 86 -1.18 1.72 -11.86
C HIS A 86 0.30 2.06 -11.94
N VAL A 87 1.11 1.15 -12.50
CA VAL A 87 2.52 1.41 -12.69
C VAL A 87 2.73 2.63 -13.57
N ARG A 88 2.04 2.70 -14.69
CA ARG A 88 2.18 3.80 -15.61
C ARG A 88 1.85 5.15 -14.95
N PHE A 89 0.73 5.19 -14.24
CA PHE A 89 0.32 6.43 -13.59
C PHE A 89 1.22 6.79 -12.42
N MET A 90 1.65 5.81 -11.63
CA MET A 90 2.52 6.18 -10.49
C MET A 90 3.92 6.61 -10.97
N ASP A 91 4.44 5.98 -12.03
CA ASP A 91 5.71 6.45 -12.60
C ASP A 91 5.57 7.91 -13.00
N ALA A 92 4.46 8.19 -13.69
CA ALA A 92 4.27 9.55 -14.20
C ALA A 92 4.02 10.53 -13.08
N PHE A 93 3.35 10.09 -12.02
CA PHE A 93 3.10 10.93 -10.85
C PHE A 93 4.44 11.36 -10.25
N ILE A 94 5.33 10.40 -10.02
CA ILE A 94 6.62 10.68 -9.39
C ILE A 94 7.42 11.66 -10.26
N GLU A 95 7.43 11.48 -11.58
CA GLU A 95 8.13 12.45 -12.43
C GLU A 95 7.46 13.82 -12.50
N ALA A 96 6.12 13.87 -12.45
CA ALA A 96 5.40 15.12 -12.52
C ALA A 96 5.71 16.00 -11.30
N LEU A 97 5.99 15.39 -10.14
CA LEU A 97 6.38 16.17 -8.94
C LEU A 97 7.89 16.47 -8.91
N GLY A 98 8.62 15.98 -9.90
CA GLY A 98 10.07 16.19 -10.00
C GLY A 98 10.84 15.56 -8.86
N LEU A 99 10.35 14.44 -8.31
CA LEU A 99 11.07 13.80 -7.21
C LEU A 99 12.36 13.19 -7.71
N GLU A 100 13.39 13.29 -6.89
CA GLU A 100 14.67 12.73 -7.24
C GLU A 100 14.90 11.52 -6.37
N GLU A 101 15.56 11.67 -5.23
CA GLU A 101 15.64 10.57 -4.27
C GLU A 101 14.42 10.57 -3.34
N VAL A 102 13.99 9.39 -2.91
CA VAL A 102 12.84 9.29 -2.00
C VAL A 102 13.09 8.23 -0.94
N VAL A 103 12.33 8.32 0.16
CA VAL A 103 12.14 7.15 1.04
C VAL A 103 10.70 6.66 0.78
N LEU A 104 10.51 5.34 0.63
CA LEU A 104 9.18 4.78 0.39
C LEU A 104 8.57 4.26 1.68
N VAL A 105 7.28 4.50 1.86
CA VAL A 105 6.46 3.90 2.95
C VAL A 105 5.26 3.28 2.26
N ILE A 106 5.19 1.95 2.27
CA ILE A 106 4.30 1.28 1.32
C ILE A 106 3.52 0.12 1.92
N HIS A 107 2.34 -0.14 1.37
CA HIS A 107 1.41 -1.15 1.90
C HIS A 107 0.63 -1.89 0.79
N ASP A 108 0.43 -3.22 0.89
CA ASP A 108 -0.50 -3.98 -0.03
C ASP A 108 -0.15 -3.66 -1.51
N TRP A 109 -1.10 -3.27 -2.35
CA TRP A 109 -0.72 -2.95 -3.74
C TRP A 109 0.23 -1.74 -3.84
N GLY A 110 0.22 -0.85 -2.85
CA GLY A 110 1.21 0.23 -2.84
C GLY A 110 2.63 -0.31 -2.71
N SER A 111 2.78 -1.45 -2.04
CA SER A 111 4.12 -2.05 -1.93
C SER A 111 4.54 -2.69 -3.25
N ALA A 112 3.59 -3.25 -4.01
CA ALA A 112 3.95 -3.78 -5.32
C ALA A 112 4.43 -2.60 -6.19
N LEU A 113 3.74 -1.46 -6.09
CA LEU A 113 4.17 -0.32 -6.89
C LEU A 113 5.55 0.13 -6.41
N GLY A 114 5.71 0.24 -5.09
CA GLY A 114 6.96 0.80 -4.59
C GLY A 114 8.18 -0.05 -4.85
N PHE A 115 8.04 -1.35 -4.61
CA PHE A 115 9.14 -2.27 -4.85
C PHE A 115 9.47 -2.32 -6.36
N HIS A 116 8.45 -2.29 -7.21
CA HIS A 116 8.72 -2.42 -8.64
C HIS A 116 9.44 -1.16 -9.09
N TRP A 117 9.07 -0.01 -8.48
CA TRP A 117 9.69 1.25 -8.87
C TRP A 117 11.13 1.24 -8.37
N ALA A 118 11.31 0.70 -7.16
CA ALA A 118 12.64 0.67 -6.57
C ALA A 118 13.59 -0.18 -7.41
N LYS A 119 13.07 -1.30 -7.92
CA LYS A 119 13.92 -2.21 -8.68
C LYS A 119 14.46 -1.49 -9.92
N ARG A 120 13.63 -0.60 -10.46
CA ARG A 120 13.96 0.04 -11.73
C ARG A 120 14.73 1.33 -11.52
N ASN A 121 14.70 1.84 -10.28
CA ASN A 121 15.31 3.12 -9.94
C ASN A 121 16.09 3.02 -8.64
N PRO A 122 17.01 2.04 -8.57
CA PRO A 122 17.59 1.73 -7.26
C PRO A 122 18.41 2.90 -6.67
N GLU A 123 18.98 3.74 -7.53
CA GLU A 123 19.84 4.81 -7.07
C GLU A 123 19.02 5.93 -6.45
N ARG A 124 17.70 5.90 -6.61
CA ARG A 124 16.85 6.96 -6.06
C ARG A 124 16.09 6.58 -4.78
N VAL A 125 16.24 5.35 -4.30
CA VAL A 125 15.56 4.91 -3.09
C VAL A 125 16.53 4.86 -1.90
N LYS A 126 16.27 5.69 -0.90
CA LYS A 126 17.15 5.85 0.26
C LYS A 126 16.76 4.93 1.41
N GLY A 127 15.55 4.41 1.36
CA GLY A 127 15.02 3.53 2.41
C GLY A 127 13.62 3.07 2.03
N ILE A 128 13.22 1.93 2.57
CA ILE A 128 11.86 1.42 2.33
C ILE A 128 11.26 0.91 3.62
N ALA A 129 10.16 1.52 4.07
CA ALA A 129 9.36 0.97 5.17
C ALA A 129 8.15 0.31 4.55
N PHE A 130 7.86 -0.92 4.94
CA PHE A 130 6.79 -1.67 4.30
C PHE A 130 6.04 -2.55 5.30
N MET A 131 4.84 -2.96 4.92
CA MET A 131 3.95 -3.71 5.81
C MET A 131 2.92 -4.40 4.98
N GLU A 132 2.59 -5.63 5.34
CA GLU A 132 1.48 -6.36 4.71
C GLU A 132 1.51 -6.20 3.20
N PHE A 133 2.61 -6.69 2.63
CA PHE A 133 3.01 -6.33 1.28
C PHE A 133 2.81 -7.51 0.34
N ILE A 134 2.83 -7.23 -0.97
CA ILE A 134 2.59 -8.30 -1.91
C ILE A 134 3.86 -9.08 -2.21
N ARG A 135 3.76 -10.38 -2.00
CA ARG A 135 4.77 -11.35 -2.33
C ARG A 135 4.06 -12.50 -3.05
N PRO A 136 4.81 -13.36 -3.75
CA PRO A 136 4.12 -14.48 -4.38
C PRO A 136 3.55 -15.44 -3.35
N ILE A 137 2.31 -15.85 -3.57
CA ILE A 137 1.63 -16.81 -2.72
C ILE A 137 1.56 -18.13 -3.49
N PRO A 138 2.51 -19.03 -3.24
CA PRO A 138 2.73 -20.23 -4.07
C PRO A 138 1.48 -21.12 -4.26
N THR A 139 0.72 -21.32 -3.20
CA THR A 139 -0.53 -22.07 -3.28
C THR A 139 -1.60 -21.40 -2.42
N TRP A 140 -2.85 -21.78 -2.62
CA TRP A 140 -3.92 -21.23 -1.80
C TRP A 140 -3.81 -21.59 -0.32
N ASP A 141 -3.04 -22.63 0.01
CA ASP A 141 -2.83 -22.96 1.41
C ASP A 141 -2.05 -21.88 2.15
N GLU A 142 -1.30 -21.06 1.41
CA GLU A 142 -0.51 -19.98 2.00
C GLU A 142 -1.29 -18.68 2.06
N TRP A 143 -2.54 -18.72 1.60
CA TRP A 143 -3.52 -17.65 1.82
C TRP A 143 -4.27 -18.01 3.09
N PRO A 144 -4.52 -17.02 3.97
CA PRO A 144 -5.18 -17.39 5.25
C PRO A 144 -6.55 -18.05 5.07
N GLU A 145 -6.78 -19.14 5.81
CA GLU A 145 -8.00 -19.93 5.68
C GLU A 145 -9.27 -19.10 5.75
N PHE A 146 -9.32 -18.18 6.71
CA PHE A 146 -10.54 -17.42 6.94
C PHE A 146 -10.92 -16.57 5.74
N ALA A 147 -9.92 -16.29 4.89
CA ALA A 147 -10.14 -15.40 3.75
C ALA A 147 -10.10 -16.14 2.42
N ARG A 148 -9.91 -17.46 2.45
CA ARG A 148 -9.72 -18.23 1.21
C ARG A 148 -10.95 -18.27 0.27
N GLU A 149 -12.07 -18.74 0.82
CA GLU A 149 -13.30 -18.85 0.05
C GLU A 149 -13.62 -17.51 -0.62
N THR A 150 -13.55 -16.45 0.19
CA THR A 150 -13.89 -15.11 -0.29
C THR A 150 -12.99 -14.66 -1.44
N PHE A 151 -11.67 -14.80 -1.27
CA PHE A 151 -10.83 -14.31 -2.35
C PHE A 151 -10.93 -15.23 -3.56
N GLN A 152 -11.25 -16.50 -3.35
CA GLN A 152 -11.38 -17.39 -4.50
C GLN A 152 -12.60 -16.94 -5.31
N ALA A 153 -13.64 -16.50 -4.60
CA ALA A 153 -14.83 -15.99 -5.26
C ALA A 153 -14.58 -14.64 -5.94
N PHE A 154 -13.74 -13.79 -5.32
CA PHE A 154 -13.40 -12.51 -5.94
C PHE A 154 -12.77 -12.72 -7.30
N ARG A 155 -12.03 -13.81 -7.43
CA ARG A 155 -11.23 -14.10 -8.63
C ARG A 155 -12.02 -14.87 -9.66
N THR A 156 -13.26 -14.43 -9.83
CA THR A 156 -14.09 -14.87 -10.93
C THR A 156 -14.75 -13.65 -11.55
N THR A 157 -15.21 -13.80 -12.78
CA THR A 157 -15.81 -12.67 -13.46
C THR A 157 -17.21 -12.49 -12.96
N ASP A 158 -18.06 -13.50 -13.01
CA ASP A 158 -19.43 -13.17 -12.71
C ASP A 158 -19.66 -13.03 -11.21
N VAL A 159 -19.33 -14.07 -10.46
CA VAL A 159 -19.51 -13.99 -9.00
C VAL A 159 -18.66 -12.84 -8.37
N GLY A 160 -17.39 -12.72 -8.75
CA GLY A 160 -16.51 -11.73 -8.12
C GLY A 160 -16.97 -10.31 -8.39
N ARG A 161 -17.41 -10.03 -9.63
CA ARG A 161 -17.90 -8.70 -9.95
C ARG A 161 -19.22 -8.42 -9.25
N LYS A 162 -20.09 -9.43 -9.16
CA LYS A 162 -21.31 -9.26 -8.38
C LYS A 162 -20.98 -8.85 -6.94
N LEU A 163 -20.06 -9.58 -6.31
CA LEU A 163 -19.69 -9.26 -4.92
C LEU A 163 -19.06 -7.86 -4.78
N ILE A 164 -18.03 -7.59 -5.58
CA ILE A 164 -17.22 -6.39 -5.35
C ILE A 164 -17.85 -5.17 -5.97
N ILE A 165 -18.35 -5.29 -7.21
CA ILE A 165 -18.90 -4.11 -7.87
C ILE A 165 -20.39 -3.88 -7.51
N ASP A 166 -21.23 -4.90 -7.64
CA ASP A 166 -22.65 -4.68 -7.38
C ASP A 166 -22.96 -4.53 -5.88
N GLN A 167 -22.32 -5.35 -5.05
CA GLN A 167 -22.65 -5.34 -3.63
C GLN A 167 -21.65 -4.62 -2.75
N ASN A 168 -20.54 -4.17 -3.33
CA ASN A 168 -19.51 -3.40 -2.64
C ASN A 168 -18.90 -4.13 -1.46
N VAL A 169 -18.70 -5.43 -1.62
CA VAL A 169 -18.26 -6.28 -0.52
C VAL A 169 -16.83 -5.94 -0.09
N PHE A 170 -15.97 -5.46 -0.99
CA PHE A 170 -14.59 -5.19 -0.58
C PHE A 170 -14.55 -4.02 0.41
N ILE A 171 -15.45 -3.06 0.24
CA ILE A 171 -15.57 -1.92 1.16
C ILE A 171 -16.38 -2.29 2.41
N GLU A 172 -17.55 -2.90 2.23
CA GLU A 172 -18.44 -3.11 3.36
C GLU A 172 -18.05 -4.33 4.22
N GLY A 173 -17.30 -5.26 3.63
CA GLY A 173 -16.99 -6.51 4.29
C GLY A 173 -15.52 -6.77 4.50
N THR A 174 -14.77 -6.82 3.41
CA THR A 174 -13.36 -7.17 3.47
C THR A 174 -12.54 -6.14 4.23
N LEU A 175 -12.76 -4.87 3.93
CA LEU A 175 -12.05 -3.77 4.62
C LEU A 175 -12.17 -3.86 6.17
N PRO A 176 -13.40 -3.90 6.73
CA PRO A 176 -13.44 -4.04 8.20
C PRO A 176 -12.87 -5.35 8.69
N CYS A 177 -12.90 -6.39 7.87
CA CYS A 177 -12.28 -7.65 8.23
C CYS A 177 -10.76 -7.62 8.14
N GLY A 178 -10.21 -6.50 7.66
CA GLY A 178 -8.78 -6.34 7.62
C GLY A 178 -8.23 -5.50 8.76
N VAL A 179 -9.07 -5.19 9.75
CA VAL A 179 -8.70 -4.39 10.92
C VAL A 179 -9.21 -5.12 12.13
N VAL A 180 -8.40 -5.23 13.20
CA VAL A 180 -8.84 -5.94 14.40
C VAL A 180 -9.82 -5.09 15.20
N ARG A 181 -9.50 -3.81 15.41
CA ARG A 181 -10.48 -2.93 16.02
C ARG A 181 -11.64 -2.61 15.09
N PRO A 182 -12.78 -2.20 15.66
CA PRO A 182 -13.88 -1.78 14.80
C PRO A 182 -13.62 -0.42 14.17
N LEU A 183 -13.84 -0.31 12.86
CA LEU A 183 -13.84 0.99 12.22
C LEU A 183 -15.12 1.71 12.60
N THR A 184 -15.02 3.01 12.82
CA THR A 184 -16.18 3.81 13.14
C THR A 184 -16.95 4.17 11.88
N GLU A 185 -18.17 4.64 12.06
CA GLU A 185 -18.99 5.05 10.91
C GLU A 185 -18.32 6.18 10.12
N VAL A 186 -17.70 7.14 10.81
CA VAL A 186 -16.97 8.20 10.13
C VAL A 186 -15.83 7.67 9.26
N GLU A 187 -15.02 6.76 9.82
CA GLU A 187 -13.95 6.12 9.06
C GLU A 187 -14.52 5.36 7.86
N MET A 188 -15.58 4.59 8.11
CA MET A 188 -16.20 3.86 6.99
C MET A 188 -16.66 4.82 5.89
N ASP A 189 -17.25 5.95 6.27
CA ASP A 189 -17.68 6.89 5.24
C ASP A 189 -16.51 7.49 4.44
N HIS A 190 -15.36 7.70 5.08
CA HIS A 190 -14.18 8.15 4.34
C HIS A 190 -13.71 7.09 3.35
N TYR A 191 -13.79 5.81 3.73
CA TYR A 191 -13.41 4.75 2.80
C TYR A 191 -14.46 4.52 1.72
N ARG A 192 -15.72 4.79 2.04
CA ARG A 192 -16.81 4.62 1.06
C ARG A 192 -16.82 5.72 0.01
N GLU A 193 -16.37 6.91 0.38
CA GLU A 193 -16.61 8.08 -0.46
C GLU A 193 -16.20 7.94 -1.96
N PRO A 194 -15.01 7.35 -2.26
CA PRO A 194 -14.62 7.28 -3.67
C PRO A 194 -15.47 6.33 -4.49
N PHE A 195 -16.26 5.49 -3.83
CA PHE A 195 -16.91 4.35 -4.51
C PHE A 195 -18.41 4.34 -4.35
N LEU A 196 -19.00 5.50 -4.06
CA LEU A 196 -20.46 5.59 -3.90
C LEU A 196 -21.18 5.19 -5.20
N ASN A 197 -20.53 5.47 -6.35
CA ASN A 197 -21.10 5.12 -7.66
C ASN A 197 -20.57 3.74 -8.05
N PRO A 198 -21.47 2.74 -8.24
CA PRO A 198 -20.96 1.37 -8.45
C PRO A 198 -19.97 1.20 -9.59
N VAL A 199 -20.17 1.89 -10.70
CA VAL A 199 -19.28 1.71 -11.84
C VAL A 199 -17.83 2.10 -11.52
N ASP A 200 -17.63 2.92 -10.50
CA ASP A 200 -16.30 3.38 -10.10
C ASP A 200 -15.56 2.31 -9.30
N ARG A 201 -16.19 1.16 -9.08
CA ARG A 201 -15.54 0.11 -8.26
C ARG A 201 -14.62 -0.85 -9.05
N GLU A 202 -14.39 -0.59 -10.33
CA GLU A 202 -13.53 -1.45 -11.13
C GLU A 202 -12.17 -1.79 -10.48
N PRO A 203 -11.43 -0.78 -9.94
CA PRO A 203 -10.11 -1.15 -9.36
C PRO A 203 -10.26 -2.13 -8.19
N LEU A 204 -11.36 -2.02 -7.46
CA LEU A 204 -11.54 -2.90 -6.29
C LEU A 204 -11.67 -4.36 -6.69
N TRP A 205 -12.20 -4.62 -7.89
CA TRP A 205 -12.32 -5.97 -8.41
C TRP A 205 -11.03 -6.39 -9.16
N ARG A 206 -10.44 -5.48 -9.95
CA ARG A 206 -9.28 -5.94 -10.71
C ARG A 206 -8.12 -6.30 -9.76
N PHE A 207 -7.93 -5.52 -8.68
CA PHE A 207 -6.80 -5.79 -7.78
C PHE A 207 -6.74 -7.25 -7.24
N PRO A 208 -7.84 -7.79 -6.67
CA PRO A 208 -7.68 -9.17 -6.17
C PRO A 208 -7.46 -10.17 -7.31
N ASN A 209 -7.92 -9.83 -8.52
CA ASN A 209 -7.63 -10.65 -9.67
C ASN A 209 -6.19 -10.54 -10.18
N GLU A 210 -5.46 -9.53 -9.72
CA GLU A 210 -4.05 -9.39 -10.06
C GLU A 210 -3.13 -10.06 -9.02
N LEU A 211 -3.68 -10.42 -7.86
CA LEU A 211 -2.83 -10.98 -6.80
C LEU A 211 -2.07 -12.23 -7.28
N PRO A 212 -0.77 -12.33 -6.95
CA PRO A 212 0.02 -13.44 -7.48
C PRO A 212 -0.17 -14.70 -6.62
N ILE A 213 -1.21 -15.46 -6.94
CA ILE A 213 -1.61 -16.61 -6.13
C ILE A 213 -1.68 -17.87 -6.97
N ALA A 214 -0.99 -18.91 -6.51
CA ALA A 214 -0.97 -20.21 -7.20
C ALA A 214 -0.54 -20.06 -8.68
N GLY A 215 0.39 -19.14 -8.92
CA GLY A 215 1.01 -19.00 -10.23
C GLY A 215 0.29 -18.11 -11.23
N GLU A 216 -0.84 -17.54 -10.82
CA GLU A 216 -1.67 -16.73 -11.72
C GLU A 216 -2.05 -15.41 -11.07
N PRO A 217 -2.14 -14.32 -11.85
CA PRO A 217 -1.71 -14.25 -13.25
C PRO A 217 -0.19 -14.28 -13.42
N ALA A 218 0.26 -15.06 -14.41
CA ALA A 218 1.68 -15.30 -14.61
C ALA A 218 2.51 -14.03 -14.77
N ASN A 219 1.97 -13.00 -15.40
CA ASN A 219 2.74 -11.77 -15.59
C ASN A 219 3.03 -11.09 -14.23
N ILE A 220 2.03 -11.11 -13.35
CA ILE A 220 2.19 -10.47 -12.06
C ILE A 220 3.12 -11.30 -11.18
N VAL A 221 2.97 -12.63 -11.22
CA VAL A 221 3.87 -13.50 -10.47
C VAL A 221 5.34 -13.21 -10.85
N ALA A 222 5.60 -13.09 -12.15
CA ALA A 222 6.97 -12.84 -12.62
C ALA A 222 7.50 -11.49 -12.11
N LEU A 223 6.68 -10.45 -12.22
CA LEU A 223 7.10 -9.12 -11.81
C LEU A 223 7.40 -9.08 -10.29
N VAL A 224 6.57 -9.76 -9.52
CA VAL A 224 6.70 -9.76 -8.07
C VAL A 224 7.93 -10.57 -7.65
N GLU A 225 8.15 -11.71 -8.30
CA GLU A 225 9.37 -12.46 -8.06
C GLU A 225 10.59 -11.62 -8.36
N GLU A 226 10.56 -10.86 -9.45
CA GLU A 226 11.71 -10.03 -9.79
C GLU A 226 12.01 -8.97 -8.74
N TYR A 227 10.99 -8.32 -8.19
CA TYR A 227 11.34 -7.31 -7.21
C TYR A 227 11.69 -7.93 -5.86
N MET A 228 11.22 -9.13 -5.57
CA MET A 228 11.67 -9.77 -4.33
C MET A 228 13.13 -10.21 -4.46
N ASP A 229 13.51 -10.68 -5.64
CA ASP A 229 14.94 -10.97 -5.92
C ASP A 229 15.79 -9.71 -5.72
N TRP A 230 15.33 -8.61 -6.33
CA TRP A 230 16.02 -7.34 -6.18
C TRP A 230 16.15 -6.97 -4.69
N LEU A 231 15.05 -7.12 -3.94
CA LEU A 231 15.03 -6.74 -2.53
C LEU A 231 16.04 -7.56 -1.74
N HIS A 232 16.17 -8.84 -2.09
CA HIS A 232 17.16 -9.69 -1.40
C HIS A 232 18.60 -9.32 -1.76
N GLN A 233 18.81 -8.67 -2.89
CA GLN A 233 20.18 -8.30 -3.27
C GLN A 233 20.57 -6.88 -2.83
N SER A 234 19.58 -6.06 -2.48
CA SER A 234 19.79 -4.65 -2.22
C SER A 234 20.24 -4.32 -0.80
N PRO A 235 21.25 -3.44 -0.66
CA PRO A 235 21.63 -3.05 0.69
C PRO A 235 20.74 -1.92 1.24
N VAL A 236 19.68 -1.52 0.53
CA VAL A 236 18.91 -0.36 0.98
C VAL A 236 18.35 -0.61 2.39
N PRO A 237 18.37 0.43 3.23
CA PRO A 237 17.75 0.23 4.54
C PRO A 237 16.28 -0.14 4.45
N LYS A 238 15.87 -1.12 5.24
CA LYS A 238 14.52 -1.68 5.20
C LYS A 238 13.92 -1.69 6.61
N LEU A 239 12.64 -1.34 6.70
CA LEU A 239 11.89 -1.37 7.95
C LEU A 239 10.57 -2.12 7.70
N LEU A 240 10.38 -3.25 8.33
CA LEU A 240 9.23 -4.13 8.09
C LEU A 240 8.32 -4.14 9.32
N PHE A 241 7.09 -3.68 9.17
CA PHE A 241 6.08 -3.81 10.23
C PHE A 241 5.24 -5.05 10.01
N TRP A 242 4.96 -5.75 11.09
CA TRP A 242 4.12 -6.93 10.98
C TRP A 242 3.20 -7.07 12.18
N GLY A 243 2.10 -7.81 12.01
CA GLY A 243 1.17 -8.03 13.09
C GLY A 243 0.77 -9.50 13.16
N THR A 244 0.03 -9.85 14.20
CA THR A 244 -0.44 -11.23 14.38
C THR A 244 -1.95 -11.23 14.31
N PRO A 245 -2.54 -12.05 13.41
CA PRO A 245 -1.94 -13.07 12.53
C PRO A 245 -1.47 -12.56 11.18
N GLY A 246 -1.76 -11.28 10.87
CA GLY A 246 -1.48 -10.76 9.54
C GLY A 246 -2.45 -11.33 8.52
N VAL A 247 -2.23 -10.95 7.27
CA VAL A 247 -3.00 -11.54 6.16
C VAL A 247 -2.04 -11.94 5.03
N LEU A 248 -1.41 -10.96 4.38
CA LEU A 248 -0.42 -11.24 3.34
C LEU A 248 0.90 -11.78 3.92
N ILE A 249 1.22 -11.35 5.13
CA ILE A 249 2.50 -11.68 5.75
C ILE A 249 2.27 -12.26 7.12
N PRO A 250 2.27 -13.60 7.23
CA PRO A 250 2.21 -14.20 8.57
C PRO A 250 3.49 -13.96 9.35
N PRO A 251 3.41 -14.03 10.68
CA PRO A 251 4.58 -13.79 11.53
C PRO A 251 5.83 -14.61 11.15
N ALA A 252 5.65 -15.87 10.74
CA ALA A 252 6.80 -16.69 10.38
C ALA A 252 7.51 -16.10 9.16
N GLU A 253 6.74 -15.55 8.23
CA GLU A 253 7.34 -15.03 7.03
C GLU A 253 8.03 -13.71 7.35
N ALA A 254 7.43 -12.93 8.24
CA ALA A 254 8.06 -11.70 8.68
C ALA A 254 9.40 -12.00 9.35
N ALA A 255 9.42 -13.04 10.18
CA ALA A 255 10.65 -13.44 10.86
C ALA A 255 11.71 -13.91 9.86
N ARG A 256 11.29 -14.67 8.85
CA ARG A 256 12.20 -15.08 7.79
C ARG A 256 12.80 -13.91 7.00
N LEU A 257 11.94 -12.97 6.61
CA LEU A 257 12.39 -11.82 5.84
C LEU A 257 13.29 -10.90 6.63
N ALA A 258 13.02 -10.78 7.92
CA ALA A 258 13.85 -9.93 8.77
C ALA A 258 15.33 -10.38 8.72
N LYS A 259 15.57 -11.68 8.48
CA LYS A 259 16.94 -12.20 8.34
C LYS A 259 17.44 -12.35 6.90
N SER A 260 16.54 -12.65 5.95
CA SER A 260 16.99 -12.89 4.59
C SER A 260 17.21 -11.58 3.81
N LEU A 261 16.49 -10.52 4.18
CA LEU A 261 16.68 -9.25 3.50
C LEU A 261 17.83 -8.50 4.15
N PRO A 262 18.78 -8.01 3.35
CA PRO A 262 19.83 -7.19 3.96
C PRO A 262 19.31 -5.94 4.69
N ASN A 263 19.94 -5.60 5.80
CA ASN A 263 19.73 -4.29 6.44
C ASN A 263 18.26 -4.06 6.79
N CYS A 264 17.64 -5.08 7.38
CA CYS A 264 16.22 -5.05 7.66
C CYS A 264 15.95 -5.07 9.16
N LYS A 265 15.21 -4.07 9.62
CA LYS A 265 14.72 -3.96 10.97
C LYS A 265 13.26 -4.35 10.95
N ALA A 266 12.84 -5.27 11.82
CA ALA A 266 11.42 -5.65 11.85
C ALA A 266 10.80 -5.21 13.16
N VAL A 267 9.55 -4.76 13.09
CA VAL A 267 8.80 -4.22 14.23
C VAL A 267 7.41 -4.86 14.35
N ASP A 268 7.16 -5.47 15.51
CA ASP A 268 5.91 -6.14 15.83
C ASP A 268 4.87 -5.13 16.34
N ILE A 269 3.75 -4.97 15.63
CA ILE A 269 2.76 -3.97 16.03
C ILE A 269 1.68 -4.50 16.96
N GLY A 270 1.76 -5.78 17.29
CA GLY A 270 0.73 -6.41 18.12
C GLY A 270 -0.32 -7.02 17.21
N PRO A 271 -1.56 -7.11 17.70
CA PRO A 271 -2.63 -7.70 16.87
C PRO A 271 -2.84 -6.89 15.62
N GLY A 272 -2.93 -7.60 14.51
CA GLY A 272 -3.09 -6.93 13.24
C GLY A 272 -3.44 -7.91 12.15
N LEU A 273 -4.14 -7.40 11.15
CA LEU A 273 -4.58 -8.20 10.01
C LEU A 273 -3.94 -7.61 8.76
N ASN A 274 -4.67 -6.80 7.97
CA ASN A 274 -4.06 -6.18 6.78
C ASN A 274 -3.78 -4.71 6.98
N LEU A 275 -4.77 -3.94 7.44
CA LEU A 275 -4.55 -2.50 7.59
C LEU A 275 -3.90 -2.20 8.94
N LEU A 276 -2.61 -2.51 9.03
CA LEU A 276 -1.91 -2.36 10.32
C LEU A 276 -1.97 -0.92 10.79
N GLN A 277 -2.01 0.01 9.85
CA GLN A 277 -2.09 1.43 10.16
C GLN A 277 -3.30 1.78 10.98
N GLU A 278 -4.38 1.00 10.85
CA GLU A 278 -5.61 1.26 11.60
C GLU A 278 -5.57 0.67 13.01
N ASP A 279 -4.74 -0.34 13.22
CA ASP A 279 -4.68 -0.94 14.58
C ASP A 279 -3.60 -0.32 15.48
N ASN A 280 -2.50 0.16 14.89
CA ASN A 280 -1.46 0.78 15.72
C ASN A 280 -0.69 1.89 14.99
N PRO A 281 -1.39 2.98 14.64
CA PRO A 281 -0.77 4.08 13.90
C PRO A 281 0.31 4.76 14.70
N ASP A 282 0.17 4.87 16.02
CA ASP A 282 1.20 5.64 16.71
C ASP A 282 2.52 4.90 16.75
N LEU A 283 2.49 3.56 16.91
CA LEU A 283 3.73 2.81 16.90
C LEU A 283 4.36 2.89 15.51
N ILE A 284 3.54 2.71 14.45
CA ILE A 284 4.08 2.73 13.12
C ILE A 284 4.64 4.12 12.77
N GLY A 285 3.87 5.18 13.05
CA GLY A 285 4.37 6.53 12.80
C GLY A 285 5.65 6.85 13.59
N SER A 286 5.64 6.55 14.88
CA SER A 286 6.81 6.82 15.73
C SER A 286 8.06 6.09 15.25
N GLU A 287 7.89 4.80 14.92
CA GLU A 287 9.03 4.00 14.51
C GLU A 287 9.54 4.48 13.16
N ILE A 288 8.64 4.85 12.24
CA ILE A 288 9.14 5.39 10.98
C ILE A 288 9.93 6.67 11.23
N ALA A 289 9.40 7.59 12.04
CA ALA A 289 10.10 8.87 12.27
C ALA A 289 11.51 8.62 12.84
N ARG A 290 11.59 7.72 13.82
CA ARG A 290 12.89 7.44 14.45
C ARG A 290 13.85 6.73 13.50
N TRP A 291 13.32 5.81 12.71
CA TRP A 291 14.14 5.10 11.73
C TRP A 291 14.69 6.08 10.66
N LEU A 292 13.82 7.00 10.21
CA LEU A 292 14.27 8.03 9.29
C LEU A 292 15.48 8.77 9.82
N SER A 293 15.47 9.07 11.12
CA SER A 293 16.64 9.73 11.67
C SER A 293 17.88 8.84 11.60
N THR A 294 17.73 7.54 11.86
CA THR A 294 18.89 6.65 11.80
C THR A 294 19.49 6.53 10.39
N LEU A 295 18.72 6.85 9.34
CA LEU A 295 19.29 6.78 7.98
C LEU A 295 20.45 7.75 7.78
N GLU A 296 20.53 8.78 8.63
CA GLU A 296 21.61 9.78 8.55
C GLU A 296 22.77 9.50 9.49
N ILE A 297 22.71 8.37 10.18
CA ILE A 297 23.80 8.01 11.08
C ILE A 297 24.67 6.98 10.36
N SER A 298 25.89 7.41 10.01
CA SER A 298 26.89 6.59 9.30
C SER A 298 27.22 5.31 10.05
N GLY A 299 27.28 5.40 11.37
CA GLY A 299 27.57 4.25 12.22
C GLY A 299 29.06 4.13 12.51
#